data_4I98
#
_entry.id   4I98
#
_cell.length_a   185.297
_cell.length_b   82.720
_cell.length_c   59.909
_cell.angle_alpha   90.00
_cell.angle_beta   98.92
_cell.angle_gamma   90.00
#
_symmetry.space_group_name_H-M   'C 1 2 1'
#
loop_
_entity.id
_entity.type
_entity.pdbx_description
1 polymer 'Segregation and condensation protein A'
2 polymer 'Segregation and condensation protein B'
3 water water
#
loop_
_entity_poly.entity_id
_entity_poly.type
_entity_poly.pdbx_seq_one_letter_code
_entity_poly.pdbx_strand_id
1 'polypeptide(L)'
;(MSE)DIKLKDFEGPLDLLLHLVSKYQ(MSE)DIYDVPITEVIEQYLAYVSTLQA(MSE)RLEVTGEY(MSE)V(MSE)A
SQL(MSE)LIKSRKLLPKVAEVTDLGDDLEQDLLSQIEEYRKFKLLGEHLEAKHQERAQYYSKAPTELIYEDAELVHDKT
TIDLFLAFSNILAKKKEEFAQNHT
;
A
2 'polypeptide(L)'
;(MSE)STLAKIEALLFVAGEDGIRVRQLAELLSLPPTGIQQSLGKLAQKYEKDPDSSLALIETSGAYRLVTKPQFAEILK
EYSKAPINQSLSRAALETLSIIAYKQPITRIEIDAIRGVNSSGALAKLQAFDLIKEDGKKEVLGRPNLYVTTDYFLDY
(MSE)GINHLEELPVIDELEIQAQESQLFGERI
;
B,C
#
# COMPACT_ATOMS: atom_id res chain seq x y z
N LYS A 6 30.84 2.46 -2.98
CA LYS A 6 30.55 3.90 -2.70
C LYS A 6 29.05 4.18 -2.56
N ASP A 7 28.26 3.11 -2.38
CA ASP A 7 26.82 3.24 -2.24
C ASP A 7 26.34 2.96 -0.81
N PHE A 8 26.56 3.94 0.08
CA PHE A 8 26.16 3.84 1.48
C PHE A 8 25.05 4.85 1.77
N GLU A 9 24.11 4.49 2.64
CA GLU A 9 22.99 5.38 2.96
C GLU A 9 23.35 6.54 3.90
N GLY A 10 24.21 7.43 3.42
CA GLY A 10 24.61 8.57 4.22
C GLY A 10 25.90 8.41 5.00
N PRO A 11 26.35 9.49 5.69
CA PRO A 11 27.59 9.43 6.47
C PRO A 11 27.46 8.49 7.67
N LEU A 12 26.46 8.73 8.50
CA LEU A 12 26.23 7.90 9.68
C LEU A 12 26.30 6.43 9.35
N ASP A 13 25.83 6.07 8.14
CA ASP A 13 25.83 4.68 7.69
C ASP A 13 27.25 4.16 7.51
N LEU A 14 28.12 5.03 7.01
CA LEU A 14 29.52 4.68 6.77
C LEU A 14 30.27 4.48 8.09
N LEU A 15 30.01 5.34 9.06
CA LEU A 15 30.64 5.24 10.37
C LEU A 15 30.34 3.88 10.96
N LEU A 16 29.07 3.48 10.90
CA LEU A 16 28.62 2.19 11.44
C LEU A 16 29.42 1.05 10.80
N HIS A 17 29.97 1.31 9.63
CA HIS A 17 30.77 0.30 8.92
C HIS A 17 32.17 0.26 9.53
N LEU A 18 32.75 1.44 9.73
CA LEU A 18 34.08 1.56 10.29
C LEU A 18 34.05 1.20 11.77
N VAL A 19 33.16 1.84 12.52
CA VAL A 19 33.02 1.58 13.94
C VAL A 19 32.79 0.09 14.16
N SER A 20 32.16 -0.54 13.18
CA SER A 20 31.87 -1.96 13.24
C SER A 20 33.18 -2.71 13.49
N LYS A 21 34.03 -2.75 12.46
CA LYS A 21 35.32 -3.42 12.48
C LYS A 21 35.86 -3.79 13.87
N TYR A 22 35.97 -2.80 14.75
CA TYR A 22 36.49 -3.04 16.08
C TYR A 22 35.67 -3.98 16.97
N GLN A 23 34.66 -4.61 16.41
CA GLN A 23 33.83 -5.53 17.19
C GLN A 23 33.52 -4.96 18.58
N ASP A 25 32.42 -3.75 22.35
CA ASP A 25 31.23 -3.00 22.74
C ASP A 25 30.92 -1.89 21.72
N ILE A 26 30.11 -0.92 22.13
CA ILE A 26 29.73 0.19 21.26
C ILE A 26 30.93 0.99 20.76
N TYR A 27 31.46 1.84 21.62
CA TYR A 27 32.60 2.68 21.28
C TYR A 27 33.90 2.09 21.82
N ASP A 28 34.16 2.37 23.09
CA ASP A 28 35.37 1.90 23.79
C ASP A 28 36.63 2.53 23.22
N VAL A 29 36.69 3.86 23.36
CA VAL A 29 37.81 4.71 22.90
C VAL A 29 38.55 4.38 21.60
N PRO A 30 37.83 3.99 20.51
CA PRO A 30 38.52 3.68 19.26
C PRO A 30 38.29 4.84 18.28
N ILE A 31 37.76 5.94 18.82
CA ILE A 31 37.43 7.14 18.06
C ILE A 31 38.58 7.75 17.27
N THR A 32 39.51 8.40 18.00
CA THR A 32 40.67 9.05 17.40
C THR A 32 41.15 8.29 16.17
N GLU A 33 41.04 6.97 16.25
CA GLU A 33 41.46 6.08 15.17
C GLU A 33 40.45 6.15 14.01
N VAL A 34 39.24 5.70 14.26
CA VAL A 34 38.18 5.69 13.26
C VAL A 34 38.12 6.97 12.43
N ILE A 35 38.18 8.11 13.12
CA ILE A 35 38.12 9.40 12.47
C ILE A 35 39.07 9.48 11.29
N GLU A 36 40.30 9.05 11.50
CA GLU A 36 41.31 9.07 10.45
C GLU A 36 40.81 8.30 9.23
N GLN A 37 40.42 7.05 9.45
CA GLN A 37 39.93 6.18 8.39
C GLN A 37 38.92 6.88 7.48
N TYR A 38 38.04 7.67 8.09
CA TYR A 38 37.02 8.41 7.36
C TYR A 38 37.65 9.36 6.34
N LEU A 39 38.39 10.34 6.84
CA LEU A 39 39.05 11.31 5.97
C LEU A 39 39.81 10.57 4.87
N ALA A 40 40.36 9.42 5.23
CA ALA A 40 41.12 8.60 4.30
C ALA A 40 40.31 8.40 3.02
N TYR A 41 39.11 7.86 3.18
CA TYR A 41 38.20 7.60 2.06
C TYR A 41 37.70 8.93 1.48
N VAL A 42 37.72 9.98 2.29
CA VAL A 42 37.27 11.30 1.87
C VAL A 42 38.25 12.00 0.91
N SER A 43 39.54 11.87 1.21
CA SER A 43 40.57 12.51 0.39
C SER A 43 41.12 11.62 -0.73
N THR A 44 41.39 10.35 -0.42
CA THR A 44 41.92 9.43 -1.42
C THR A 44 40.93 9.17 -2.55
N LEU A 45 39.65 8.98 -2.19
CA LEU A 45 38.61 8.71 -3.17
C LEU A 45 38.21 9.96 -3.94
N GLN A 46 38.49 11.13 -3.38
CA GLN A 46 38.16 12.40 -4.04
C GLN A 46 39.34 12.88 -4.88
N ALA A 47 40.44 12.13 -4.82
CA ALA A 47 41.65 12.47 -5.58
C ALA A 47 41.35 12.35 -7.07
N ARG A 49 37.77 10.73 -8.24
CA ARG A 49 36.33 10.88 -8.36
C ARG A 49 35.71 11.60 -7.16
N LEU A 50 35.47 12.90 -7.34
CA LEU A 50 34.87 13.75 -6.33
C LEU A 50 33.52 14.24 -6.87
N GLU A 51 32.55 13.34 -6.99
CA GLU A 51 31.24 13.70 -7.52
C GLU A 51 30.04 13.50 -6.57
N VAL A 52 30.04 12.41 -5.82
CA VAL A 52 28.94 12.13 -4.89
C VAL A 52 29.22 12.53 -3.44
N THR A 53 30.09 13.51 -3.23
CA THR A 53 30.42 14.00 -1.89
C THR A 53 29.15 14.50 -1.21
N GLY A 54 28.53 15.51 -1.81
CA GLY A 54 27.31 16.08 -1.27
C GLY A 54 27.29 16.31 0.23
N GLU A 55 26.57 15.46 0.94
CA GLU A 55 26.44 15.59 2.38
C GLU A 55 27.68 15.21 3.18
N TYR A 56 28.26 14.05 2.86
CA TYR A 56 29.46 13.57 3.56
C TYR A 56 30.42 14.73 3.86
N VAL A 58 29.97 17.94 4.62
CA VAL A 58 29.60 18.63 5.86
C VAL A 58 29.97 17.83 7.10
N ALA A 60 32.85 15.79 7.17
CA ALA A 60 34.30 15.94 7.25
C ALA A 60 34.58 17.08 8.22
N SER A 61 33.79 18.14 8.10
CA SER A 61 33.93 19.32 8.94
C SER A 61 33.79 18.98 10.42
N GLN A 62 32.67 18.39 10.82
CA GLN A 62 32.45 18.05 12.21
C GLN A 62 33.64 17.29 12.80
N LEU A 63 34.30 16.49 11.98
CA LEU A 63 35.45 15.71 12.44
C LEU A 63 36.65 16.62 12.70
N LEU A 65 37.08 19.62 13.65
CA LEU A 65 36.96 20.22 14.98
C LEU A 65 37.32 19.22 16.07
N ILE A 66 36.78 18.01 15.96
CA ILE A 66 37.03 16.97 16.95
C ILE A 66 38.52 16.66 17.05
N LYS A 67 39.12 16.31 15.91
CA LYS A 67 40.54 15.98 15.89
C LYS A 67 41.28 17.16 16.49
N SER A 68 40.96 18.35 15.99
CA SER A 68 41.57 19.57 16.47
C SER A 68 41.34 19.81 17.96
N ARG A 69 40.14 20.23 18.32
CA ARG A 69 39.79 20.54 19.70
C ARG A 69 40.14 19.47 20.73
N LYS A 70 40.47 18.25 20.28
CA LYS A 70 40.82 17.21 21.22
C LYS A 70 42.30 17.36 21.61
N LEU A 71 43.07 18.04 20.75
CA LEU A 71 44.50 18.28 20.98
C LEU A 71 44.70 19.14 22.23
N LEU A 72 44.03 20.28 22.26
CA LEU A 72 44.12 21.19 23.39
C LEU A 72 43.83 20.47 24.71
N PRO A 73 44.59 20.77 25.76
CA PRO A 73 44.43 20.15 27.08
C PRO A 73 43.17 20.58 27.83
N LYS A 74 42.96 20.01 29.02
CA LYS A 74 41.78 20.29 29.85
C LYS A 74 41.71 21.73 30.39
N VAL A 75 41.00 22.60 29.67
CA VAL A 75 40.85 24.01 30.06
C VAL A 75 40.03 24.15 31.35
N THR A 79 31.89 21.28 31.89
CA THR A 79 31.33 21.31 30.54
C THR A 79 32.41 21.53 29.48
N ASP A 80 33.11 20.45 29.11
CA ASP A 80 34.16 20.50 28.10
C ASP A 80 33.58 20.23 26.71
N LEU A 81 33.97 21.04 25.72
CA LEU A 81 33.47 20.89 24.36
C LEU A 81 34.32 19.98 23.48
N GLY A 82 35.61 19.86 23.81
CA GLY A 82 36.46 18.99 23.03
C GLY A 82 35.90 17.59 23.07
N ASP A 83 35.21 17.28 24.16
CA ASP A 83 34.59 15.96 24.38
C ASP A 83 33.14 15.86 23.89
N ASP A 84 32.26 16.69 24.42
CA ASP A 84 30.86 16.65 24.00
C ASP A 84 30.75 16.55 22.48
N LEU A 85 31.61 17.27 21.79
CA LEU A 85 31.62 17.24 20.33
C LEU A 85 32.38 15.99 19.89
N GLU A 86 32.07 14.89 20.57
CA GLU A 86 32.66 13.59 20.30
C GLU A 86 31.65 12.55 20.77
N GLN A 87 31.29 12.63 22.05
CA GLN A 87 30.31 11.71 22.62
C GLN A 87 29.03 11.80 21.80
N ASP A 88 28.73 12.98 21.27
CA ASP A 88 27.55 13.21 20.46
C ASP A 88 27.62 12.48 19.11
N LEU A 89 28.81 12.44 18.51
CA LEU A 89 29.03 11.75 17.24
C LEU A 89 28.87 10.25 17.46
N LEU A 90 29.03 9.85 18.71
CA LEU A 90 28.87 8.46 19.06
C LEU A 90 27.39 8.18 19.12
N SER A 91 26.67 8.95 19.94
CA SER A 91 25.23 8.79 20.06
C SER A 91 24.57 8.75 18.69
N GLN A 92 25.04 9.61 17.78
CA GLN A 92 24.50 9.66 16.43
C GLN A 92 24.64 8.34 15.69
N ILE A 93 25.84 7.74 15.79
CA ILE A 93 26.12 6.47 15.14
C ILE A 93 25.33 5.34 15.80
N GLU A 94 25.24 5.39 17.13
CA GLU A 94 24.50 4.37 17.84
C GLU A 94 23.05 4.44 17.38
N GLU A 95 22.36 5.53 17.70
CA GLU A 95 20.95 5.68 17.32
C GLU A 95 20.70 5.35 15.84
N TYR A 96 21.69 5.58 14.98
CA TYR A 96 21.51 5.27 13.58
C TYR A 96 21.46 3.76 13.38
N ARG A 97 22.38 3.06 14.05
CA ARG A 97 22.44 1.59 13.99
C ARG A 97 21.08 1.03 14.40
N LYS A 98 20.63 1.46 15.57
CA LYS A 98 19.35 1.04 16.14
C LYS A 98 18.24 1.10 15.10
N PHE A 99 18.24 2.11 14.25
CA PHE A 99 17.21 2.21 13.23
C PHE A 99 17.58 1.48 11.96
N LYS A 100 18.87 1.34 11.71
CA LYS A 100 19.34 0.64 10.52
C LYS A 100 18.89 -0.80 10.70
N LEU A 101 18.84 -1.21 11.96
CA LEU A 101 18.43 -2.54 12.36
C LEU A 101 16.91 -2.63 12.48
N LEU A 102 16.30 -1.70 13.21
CA LEU A 102 14.85 -1.73 13.35
C LEU A 102 14.29 -1.67 11.94
N GLY A 103 15.10 -1.10 11.03
CA GLY A 103 14.69 -0.98 9.65
C GLY A 103 14.58 -2.34 9.00
N GLU A 104 15.54 -3.19 9.28
CA GLU A 104 15.55 -4.53 8.72
C GLU A 104 14.37 -5.34 9.27
N HIS A 105 14.10 -5.20 10.57
CA HIS A 105 13.00 -5.94 11.21
C HIS A 105 11.62 -5.54 10.72
N LEU A 106 11.57 -4.52 9.89
CA LEU A 106 10.31 -4.10 9.32
C LEU A 106 10.25 -4.73 7.93
N GLU A 107 11.33 -4.60 7.17
CA GLU A 107 11.34 -5.18 5.83
C GLU A 107 11.18 -6.69 5.94
N ALA A 108 11.30 -7.19 7.17
CA ALA A 108 11.13 -8.62 7.39
C ALA A 108 9.67 -8.86 7.78
N LYS A 109 9.15 -8.08 8.74
CA LYS A 109 7.77 -8.26 9.16
C LYS A 109 6.83 -7.93 8.01
N HIS A 110 7.29 -7.10 7.09
CA HIS A 110 6.47 -6.74 5.94
C HIS A 110 6.31 -7.97 5.06
N GLN A 111 7.44 -8.56 4.69
CA GLN A 111 7.46 -9.75 3.85
C GLN A 111 6.33 -10.72 4.17
N GLU A 112 6.18 -11.06 5.45
CA GLU A 112 5.13 -11.99 5.85
C GLU A 112 3.78 -11.52 5.32
N ARG A 113 3.48 -10.24 5.56
CA ARG A 113 2.24 -9.61 5.13
C ARG A 113 2.08 -9.66 3.63
N ALA A 114 3.18 -9.50 2.90
CA ALA A 114 3.18 -9.49 1.43
C ALA A 114 2.91 -10.85 0.81
N GLN A 115 2.97 -11.90 1.61
CA GLN A 115 2.71 -13.24 1.12
C GLN A 115 1.22 -13.44 0.85
N TYR A 116 0.41 -12.53 1.39
CA TYR A 116 -1.03 -12.57 1.21
C TYR A 116 -1.46 -11.55 0.16
N TYR A 117 -2.34 -11.97 -0.74
CA TYR A 117 -2.87 -11.11 -1.80
C TYR A 117 -4.38 -11.05 -1.67
N SER A 118 -4.99 -10.00 -2.20
CA SER A 118 -6.44 -9.88 -2.14
C SER A 118 -6.96 -9.15 -3.40
N LYS A 119 -8.28 -8.97 -3.48
CA LYS A 119 -8.90 -8.32 -4.62
C LYS A 119 -9.31 -6.86 -4.38
N ALA A 120 -9.40 -6.09 -5.44
CA ALA A 120 -9.79 -4.70 -5.33
C ALA A 120 -11.24 -4.76 -4.90
N PRO A 121 -11.66 -3.89 -3.98
CA PRO A 121 -13.05 -3.92 -3.53
C PRO A 121 -14.04 -3.74 -4.68
N THR A 122 -14.96 -4.70 -4.80
CA THR A 122 -15.97 -4.69 -5.85
C THR A 122 -16.83 -3.42 -5.73
N GLU A 123 -16.80 -2.58 -6.76
CA GLU A 123 -17.54 -1.32 -6.76
C GLU A 123 -19.03 -1.55 -7.01
N LEU A 124 -19.81 -1.76 -5.93
CA LEU A 124 -21.26 -2.00 -6.06
C LEU A 124 -22.02 -0.79 -6.57
N ILE A 125 -23.08 -1.03 -7.33
CA ILE A 125 -23.88 0.03 -7.89
C ILE A 125 -25.37 -0.19 -7.67
N TYR A 126 -26.02 0.70 -6.92
CA TYR A 126 -27.44 0.57 -6.62
C TYR A 126 -28.30 1.81 -6.93
N GLU A 127 -29.44 1.57 -7.59
CA GLU A 127 -30.41 2.61 -8.01
C GLU A 127 -30.72 3.69 -6.97
N ASP A 128 -31.37 3.30 -5.88
CA ASP A 128 -31.74 4.24 -4.82
C ASP A 128 -30.54 5.05 -4.31
N ALA A 129 -29.40 4.39 -4.15
CA ALA A 129 -28.19 5.04 -3.67
C ALA A 129 -28.01 6.42 -4.32
N GLU A 130 -27.89 7.44 -3.47
CA GLU A 130 -27.73 8.82 -3.94
C GLU A 130 -26.35 9.35 -3.58
N LEU A 131 -25.85 10.24 -4.42
CA LEU A 131 -24.52 10.82 -4.26
C LEU A 131 -24.34 11.83 -3.12
N VAL A 132 -23.23 11.67 -2.40
CA VAL A 132 -22.88 12.57 -1.31
C VAL A 132 -21.74 13.45 -1.82
N HIS A 133 -21.99 14.76 -1.83
CA HIS A 133 -21.03 15.74 -2.34
C HIS A 133 -19.91 16.07 -1.34
N ASP A 134 -19.49 15.07 -0.60
CA ASP A 134 -18.43 15.22 0.38
C ASP A 134 -17.05 15.37 -0.24
N LYS A 135 -16.98 15.45 -1.58
CA LYS A 135 -15.69 15.57 -2.23
C LYS A 135 -15.60 16.93 -2.94
N THR A 136 -14.39 17.49 -2.98
CA THR A 136 -14.15 18.79 -3.61
C THR A 136 -12.92 18.87 -4.52
N THR A 137 -12.83 19.99 -5.22
CA THR A 137 -11.75 20.26 -6.17
C THR A 137 -10.38 19.93 -5.59
N ILE A 138 -10.26 20.05 -4.28
CA ILE A 138 -9.00 19.73 -3.61
C ILE A 138 -8.78 18.23 -3.69
N ASP A 139 -9.82 17.48 -3.31
CA ASP A 139 -9.81 16.02 -3.33
C ASP A 139 -9.39 15.50 -4.71
N LEU A 140 -10.23 15.81 -5.71
CA LEU A 140 -9.99 15.39 -7.08
C LEU A 140 -8.56 15.69 -7.49
N PHE A 141 -7.99 16.72 -6.88
CA PHE A 141 -6.63 17.11 -7.18
C PHE A 141 -5.59 16.14 -6.62
N LEU A 142 -5.48 16.09 -5.29
CA LEU A 142 -4.53 15.18 -4.64
C LEU A 142 -4.70 13.79 -5.24
N ALA A 143 -5.94 13.45 -5.56
CA ALA A 143 -6.27 12.15 -6.13
C ALA A 143 -5.44 11.82 -7.37
N PHE A 144 -5.59 12.61 -8.42
CA PHE A 144 -4.85 12.38 -9.64
C PHE A 144 -3.35 12.60 -9.42
N SER A 145 -3.04 13.53 -8.52
CA SER A 145 -1.65 13.85 -8.20
C SER A 145 -0.93 12.63 -7.63
N ASN A 146 -1.58 11.99 -6.66
CA ASN A 146 -1.04 10.80 -6.01
C ASN A 146 -0.68 9.73 -7.04
N ILE A 147 -1.68 9.20 -7.72
CA ILE A 147 -1.45 8.18 -8.74
C ILE A 147 -0.20 8.55 -9.54
N LEU A 148 -0.03 9.85 -9.77
CA LEU A 148 1.13 10.33 -10.51
C LEU A 148 2.40 10.04 -9.73
N ALA A 149 2.39 10.36 -8.44
CA ALA A 149 3.54 10.11 -7.58
C ALA A 149 3.88 8.61 -7.57
N LYS A 150 3.08 7.84 -6.83
CA LYS A 150 3.24 6.39 -6.71
C LYS A 150 4.05 5.75 -7.84
N LYS A 151 3.47 5.69 -9.03
CA LYS A 151 4.13 5.08 -10.19
C LYS A 151 5.37 5.83 -10.63
N LYS A 152 5.26 7.13 -10.85
CA LYS A 152 6.40 7.90 -11.31
C LYS A 152 7.59 7.69 -10.38
N GLU A 153 7.34 7.71 -9.07
CA GLU A 153 8.42 7.48 -8.11
C GLU A 153 8.69 5.98 -8.09
N GLU A 154 9.23 5.47 -9.21
CA GLU A 154 9.54 4.04 -9.37
C GLU A 154 10.04 3.76 -10.78
N PHE A 155 10.67 2.59 -10.95
CA PHE A 155 11.17 2.18 -12.26
C PHE A 155 11.11 0.65 -12.39
N SER B 2 -2.77 -28.62 -5.10
CA SER B 2 -4.17 -28.53 -5.64
C SER B 2 -4.27 -27.53 -6.77
N THR B 3 -4.75 -27.98 -7.92
CA THR B 3 -4.89 -27.12 -9.09
C THR B 3 -6.15 -26.24 -8.94
N LEU B 4 -7.21 -26.77 -8.32
CA LEU B 4 -8.44 -26.01 -8.10
C LEU B 4 -8.11 -24.80 -7.23
N ALA B 5 -7.23 -25.01 -6.25
CA ALA B 5 -6.81 -23.95 -5.34
C ALA B 5 -6.04 -22.92 -6.15
N LYS B 6 -5.13 -23.41 -6.97
CA LYS B 6 -4.31 -22.54 -7.81
C LYS B 6 -5.17 -21.66 -8.71
N ILE B 7 -6.13 -22.26 -9.41
CA ILE B 7 -7.00 -21.47 -10.26
C ILE B 7 -7.77 -20.41 -9.44
N GLU B 8 -8.38 -20.85 -8.34
CA GLU B 8 -9.16 -19.95 -7.47
C GLU B 8 -8.38 -18.70 -7.03
N ALA B 9 -7.13 -18.89 -6.61
CA ALA B 9 -6.32 -17.76 -6.19
C ALA B 9 -6.23 -16.75 -7.34
N LEU B 10 -5.91 -17.24 -8.54
CA LEU B 10 -5.84 -16.36 -9.70
C LEU B 10 -7.19 -15.71 -9.96
N LEU B 11 -8.21 -16.52 -10.17
CA LEU B 11 -9.54 -15.97 -10.41
C LEU B 11 -9.85 -14.90 -9.37
N PHE B 12 -9.47 -15.17 -8.12
CA PHE B 12 -9.72 -14.25 -7.02
C PHE B 12 -9.06 -12.88 -7.17
N VAL B 13 -7.74 -12.88 -7.34
CA VAL B 13 -6.98 -11.63 -7.44
C VAL B 13 -7.27 -10.83 -8.70
N ALA B 14 -7.72 -11.50 -9.76
CA ALA B 14 -8.04 -10.81 -11.01
C ALA B 14 -9.15 -9.81 -10.75
N GLY B 15 -9.90 -10.06 -9.68
CA GLY B 15 -11.00 -9.17 -9.33
C GLY B 15 -12.17 -9.24 -10.29
N GLU B 16 -12.57 -8.07 -10.81
CA GLU B 16 -13.70 -7.92 -11.71
C GLU B 16 -13.51 -8.24 -13.18
N ASP B 17 -12.53 -7.64 -13.84
CA ASP B 17 -12.34 -7.92 -15.26
C ASP B 17 -12.27 -9.43 -15.58
N GLY B 18 -11.64 -10.21 -14.71
CA GLY B 18 -11.56 -11.65 -14.93
C GLY B 18 -10.26 -12.18 -15.50
N ILE B 19 -10.28 -13.45 -15.89
CA ILE B 19 -9.09 -14.11 -16.46
C ILE B 19 -9.45 -15.08 -17.59
N ARG B 20 -8.49 -15.31 -18.49
CA ARG B 20 -8.66 -16.16 -19.68
C ARG B 20 -8.20 -17.60 -19.52
N VAL B 21 -8.93 -18.54 -20.13
CA VAL B 21 -8.54 -19.95 -19.99
C VAL B 21 -7.14 -20.12 -20.53
N ARG B 22 -6.94 -19.65 -21.76
CA ARG B 22 -5.63 -19.72 -22.41
C ARG B 22 -4.55 -19.02 -21.58
N GLN B 23 -4.99 -18.14 -20.68
CA GLN B 23 -4.03 -17.42 -19.85
C GLN B 23 -3.74 -18.19 -18.58
N LEU B 24 -4.78 -18.83 -18.03
CA LEU B 24 -4.63 -19.63 -16.82
C LEU B 24 -3.65 -20.74 -17.16
N ALA B 25 -3.91 -21.39 -18.29
CA ALA B 25 -3.07 -22.47 -18.77
C ALA B 25 -1.63 -22.00 -18.79
N GLU B 26 -1.39 -20.89 -19.47
CA GLU B 26 -0.04 -20.36 -19.56
C GLU B 26 0.64 -20.21 -18.19
N LEU B 27 -0.01 -19.51 -17.26
CA LEU B 27 0.55 -19.29 -15.93
C LEU B 27 0.80 -20.59 -15.14
N LEU B 28 -0.18 -21.49 -15.15
CA LEU B 28 -0.11 -22.76 -14.43
C LEU B 28 0.56 -23.92 -15.16
N SER B 29 0.97 -23.70 -16.40
CA SER B 29 1.62 -24.76 -17.18
C SER B 29 0.76 -26.02 -17.23
N LEU B 30 -0.35 -25.93 -17.95
CA LEU B 30 -1.31 -27.03 -18.12
C LEU B 30 -2.06 -26.82 -19.43
N PRO B 31 -2.35 -27.91 -20.16
CA PRO B 31 -3.08 -27.74 -21.42
C PRO B 31 -4.43 -27.08 -21.15
N PRO B 32 -4.81 -26.09 -21.97
CA PRO B 32 -6.09 -25.40 -21.79
C PRO B 32 -7.24 -26.38 -21.62
N THR B 33 -7.07 -27.58 -22.18
CA THR B 33 -8.07 -28.65 -22.14
C THR B 33 -8.48 -29.01 -20.70
N GLY B 34 -7.50 -29.11 -19.80
CA GLY B 34 -7.75 -29.44 -18.42
C GLY B 34 -8.25 -28.27 -17.60
N ILE B 35 -7.59 -27.12 -17.77
CA ILE B 35 -7.97 -25.89 -17.08
C ILE B 35 -9.47 -25.78 -17.28
N GLN B 36 -9.87 -26.04 -18.51
CA GLN B 36 -11.26 -25.99 -18.91
C GLN B 36 -12.13 -26.87 -18.02
N GLN B 37 -11.81 -28.15 -17.94
CA GLN B 37 -12.59 -29.08 -17.13
C GLN B 37 -12.48 -28.69 -15.65
N SER B 38 -11.29 -28.23 -15.26
CA SER B 38 -11.03 -27.83 -13.88
C SER B 38 -11.98 -26.73 -13.44
N LEU B 39 -12.16 -25.72 -14.30
CA LEU B 39 -13.07 -24.60 -14.02
C LEU B 39 -14.50 -25.15 -13.91
N GLY B 40 -14.78 -26.22 -14.67
CA GLY B 40 -16.09 -26.83 -14.63
C GLY B 40 -16.36 -27.32 -13.22
N LYS B 41 -15.43 -28.11 -12.68
CA LYS B 41 -15.57 -28.66 -11.34
C LYS B 41 -15.52 -27.59 -10.26
N LEU B 42 -14.57 -26.66 -10.40
CA LEU B 42 -14.41 -25.58 -9.43
C LEU B 42 -15.71 -24.81 -9.28
N ALA B 43 -16.44 -24.68 -10.38
CA ALA B 43 -17.73 -23.97 -10.39
C ALA B 43 -18.79 -24.75 -9.63
N GLN B 44 -18.75 -26.09 -9.73
CA GLN B 44 -19.72 -26.94 -9.06
C GLN B 44 -19.43 -27.09 -7.57
N LYS B 45 -18.17 -26.96 -7.21
CA LYS B 45 -17.78 -27.06 -5.81
C LYS B 45 -18.49 -25.94 -5.04
N TYR B 46 -18.46 -24.73 -5.59
CA TYR B 46 -19.12 -23.60 -4.95
C TYR B 46 -20.63 -23.86 -4.93
N GLU B 47 -21.13 -24.41 -6.04
CA GLU B 47 -22.54 -24.71 -6.19
C GLU B 47 -23.01 -25.71 -5.13
N LYS B 48 -22.27 -26.80 -5.01
CA LYS B 48 -22.59 -27.84 -4.03
C LYS B 48 -22.61 -27.33 -2.57
N ASP B 49 -21.64 -26.49 -2.20
CA ASP B 49 -21.56 -25.97 -0.83
C ASP B 49 -22.43 -24.75 -0.51
N PRO B 50 -23.30 -24.88 0.51
CA PRO B 50 -24.21 -23.80 0.93
C PRO B 50 -23.47 -22.78 1.79
N ASP B 51 -22.25 -23.14 2.20
CA ASP B 51 -21.43 -22.24 3.02
C ASP B 51 -20.56 -21.30 2.20
N SER B 52 -20.41 -21.56 0.90
CA SER B 52 -19.61 -20.69 0.05
C SER B 52 -20.61 -19.67 -0.51
N SER B 53 -20.21 -18.40 -0.46
CA SER B 53 -21.04 -17.28 -0.91
C SER B 53 -20.77 -16.91 -2.35
N LEU B 54 -19.87 -17.65 -2.99
CA LEU B 54 -19.54 -17.33 -4.35
C LEU B 54 -19.74 -18.44 -5.36
N ALA B 55 -20.19 -18.03 -6.54
CA ALA B 55 -20.40 -18.94 -7.66
C ALA B 55 -19.53 -18.34 -8.77
N LEU B 56 -18.94 -19.20 -9.59
CA LEU B 56 -18.06 -18.78 -10.70
C LEU B 56 -18.79 -18.51 -12.03
N ILE B 57 -18.44 -17.46 -12.73
CA ILE B 57 -19.10 -17.20 -14.00
C ILE B 57 -18.17 -16.85 -15.15
N GLU B 58 -18.71 -16.89 -16.35
CA GLU B 58 -17.95 -16.59 -17.54
C GLU B 58 -18.59 -15.44 -18.32
N THR B 59 -17.79 -14.44 -18.67
CA THR B 59 -18.27 -13.27 -19.41
C THR B 59 -17.39 -13.04 -20.64
N SER B 60 -17.88 -13.48 -21.80
CA SER B 60 -17.14 -13.32 -23.04
C SER B 60 -15.74 -13.88 -22.91
N GLY B 61 -15.65 -15.16 -22.52
CA GLY B 61 -14.37 -15.83 -22.37
C GLY B 61 -13.58 -15.56 -21.11
N ALA B 62 -14.07 -14.60 -20.33
CA ALA B 62 -13.40 -14.22 -19.09
C ALA B 62 -14.07 -14.88 -17.91
N TYR B 63 -13.27 -15.64 -17.17
CA TYR B 63 -13.74 -16.31 -15.99
C TYR B 63 -13.46 -15.42 -14.80
N ARG B 64 -14.48 -15.21 -13.98
CA ARG B 64 -14.34 -14.35 -12.81
C ARG B 64 -15.30 -14.80 -11.72
N LEU B 65 -14.92 -14.50 -10.48
CA LEU B 65 -15.74 -14.85 -9.31
C LEU B 65 -16.80 -13.81 -9.04
N VAL B 66 -17.92 -14.29 -8.49
CA VAL B 66 -19.06 -13.45 -8.14
C VAL B 66 -19.77 -14.10 -6.95
N THR B 67 -20.61 -13.33 -6.26
CA THR B 67 -21.37 -13.86 -5.12
C THR B 67 -22.66 -14.42 -5.66
N LYS B 68 -23.16 -15.46 -5.01
CA LYS B 68 -24.42 -16.08 -5.39
C LYS B 68 -25.52 -15.04 -5.15
N PRO B 69 -26.50 -14.93 -6.06
CA PRO B 69 -27.61 -13.96 -5.91
C PRO B 69 -28.32 -13.98 -4.55
N GLN B 70 -28.31 -15.12 -3.89
CA GLN B 70 -28.94 -15.26 -2.58
C GLN B 70 -28.26 -14.43 -1.49
N PHE B 71 -27.60 -13.33 -1.88
CA PHE B 71 -26.91 -12.46 -0.93
C PHE B 71 -27.07 -11.02 -1.39
N ALA B 72 -27.80 -10.82 -2.47
CA ALA B 72 -28.01 -9.48 -3.02
C ALA B 72 -28.47 -8.49 -1.97
N GLU B 73 -29.42 -8.91 -1.13
CA GLU B 73 -29.98 -8.06 -0.07
C GLU B 73 -28.94 -7.66 0.98
N ILE B 74 -28.22 -8.65 1.52
CA ILE B 74 -27.22 -8.36 2.54
C ILE B 74 -26.13 -7.41 2.02
N LEU B 75 -25.78 -7.52 0.74
CA LEU B 75 -24.78 -6.65 0.13
C LEU B 75 -25.35 -5.25 -0.08
N LYS B 76 -26.54 -5.17 -0.66
CA LYS B 76 -27.19 -3.87 -0.89
C LYS B 76 -27.18 -3.02 0.38
N GLU B 77 -27.32 -3.66 1.53
CA GLU B 77 -27.31 -2.93 2.80
C GLU B 77 -25.92 -2.33 3.06
N TYR B 78 -24.89 -3.12 2.84
CA TYR B 78 -23.51 -2.69 3.03
C TYR B 78 -23.29 -1.42 2.20
N SER B 79 -23.84 -1.42 0.99
CA SER B 79 -23.69 -0.30 0.08
C SER B 79 -24.56 0.88 0.47
N LYS B 80 -25.05 0.87 1.70
CA LYS B 80 -25.87 1.98 2.15
C LYS B 80 -25.24 2.54 3.41
N ALA B 81 -24.29 1.81 3.98
CA ALA B 81 -23.61 2.30 5.17
C ALA B 81 -23.02 3.64 4.71
N PRO B 82 -22.96 4.65 5.61
CA PRO B 82 -22.43 5.97 5.29
C PRO B 82 -21.15 5.99 4.45
N ILE B 83 -20.16 5.21 4.88
CA ILE B 83 -18.87 5.12 4.19
C ILE B 83 -18.99 5.01 2.67
N ASN B 84 -19.63 3.94 2.21
CA ASN B 84 -19.80 3.67 0.79
C ASN B 84 -20.72 4.62 0.05
N GLN B 85 -21.36 5.54 0.77
CA GLN B 85 -22.25 6.50 0.13
C GLN B 85 -21.43 7.57 -0.60
N SER B 86 -20.12 7.51 -0.44
CA SER B 86 -19.20 8.47 -1.07
C SER B 86 -18.23 7.74 -1.99
N LEU B 87 -17.76 8.42 -3.03
CA LEU B 87 -16.84 7.82 -3.99
C LEU B 87 -15.66 7.09 -3.35
N SER B 88 -15.40 5.87 -3.81
CA SER B 88 -14.32 5.07 -3.26
C SER B 88 -12.97 5.66 -3.60
N ARG B 89 -11.93 5.02 -3.09
CA ARG B 89 -10.55 5.46 -3.32
C ARG B 89 -10.22 5.25 -4.80
N ALA B 90 -10.90 4.30 -5.41
CA ALA B 90 -10.68 3.98 -6.82
C ALA B 90 -11.58 4.80 -7.76
N ALA B 91 -12.84 4.97 -7.37
CA ALA B 91 -13.78 5.74 -8.17
C ALA B 91 -13.29 7.19 -8.32
N LEU B 92 -12.68 7.72 -7.27
CA LEU B 92 -12.16 9.08 -7.27
C LEU B 92 -10.89 9.13 -8.14
N GLU B 93 -10.04 8.13 -7.98
CA GLU B 93 -8.81 8.05 -8.75
C GLU B 93 -9.16 8.06 -10.23
N THR B 94 -10.15 7.25 -10.57
CA THR B 94 -10.64 7.15 -11.93
C THR B 94 -11.23 8.49 -12.39
N LEU B 95 -12.22 8.98 -11.64
CA LEU B 95 -12.90 10.23 -11.93
C LEU B 95 -11.91 11.35 -12.26
N SER B 96 -10.86 11.48 -11.45
CA SER B 96 -9.84 12.51 -11.67
C SER B 96 -9.12 12.31 -13.00
N ILE B 97 -8.64 11.09 -13.24
CA ILE B 97 -7.94 10.78 -14.48
C ILE B 97 -8.73 11.23 -15.71
N ILE B 98 -10.05 11.06 -15.66
CA ILE B 98 -10.87 11.48 -16.77
C ILE B 98 -10.82 13.02 -16.79
N ALA B 99 -11.30 13.62 -15.71
CA ALA B 99 -11.31 15.07 -15.58
C ALA B 99 -10.12 15.75 -16.26
N TYR B 100 -8.92 15.21 -16.08
CA TYR B 100 -7.70 15.80 -16.65
C TYR B 100 -7.21 15.28 -17.99
N LYS B 101 -7.55 14.05 -18.33
CA LYS B 101 -7.07 13.48 -19.58
C LYS B 101 -8.14 13.22 -20.64
N GLN B 102 -9.40 13.48 -20.27
CA GLN B 102 -10.52 13.27 -21.17
C GLN B 102 -10.27 14.02 -22.47
N PRO B 103 -10.64 13.43 -23.62
CA PRO B 103 -11.27 12.11 -23.79
C PRO B 103 -10.26 11.00 -23.60
N ILE B 104 -10.68 9.94 -22.93
CA ILE B 104 -9.79 8.84 -22.67
C ILE B 104 -10.58 7.55 -22.72
N THR B 105 -9.94 6.45 -23.08
CA THR B 105 -10.63 5.16 -23.16
C THR B 105 -10.40 4.31 -21.91
N ARG B 106 -11.28 3.33 -21.71
CA ARG B 106 -11.20 2.43 -20.56
C ARG B 106 -9.78 1.86 -20.45
N ILE B 107 -9.34 1.23 -21.53
CA ILE B 107 -8.02 0.64 -21.60
C ILE B 107 -6.94 1.63 -21.18
N GLU B 108 -7.10 2.88 -21.60
CA GLU B 108 -6.14 3.93 -21.28
C GLU B 108 -6.19 4.31 -19.80
N ILE B 109 -7.39 4.34 -19.21
CA ILE B 109 -7.54 4.67 -17.79
C ILE B 109 -6.94 3.56 -16.94
N ASP B 110 -7.12 2.32 -17.41
CA ASP B 110 -6.61 1.13 -16.73
C ASP B 110 -5.09 1.20 -16.67
N ALA B 111 -4.50 1.60 -17.80
CA ALA B 111 -3.05 1.73 -17.95
C ALA B 111 -2.37 2.77 -17.05
N ILE B 112 -3.16 3.64 -16.42
CA ILE B 112 -2.60 4.65 -15.53
C ILE B 112 -2.73 4.19 -14.09
N ARG B 113 -3.86 3.55 -13.77
CA ARG B 113 -4.06 3.04 -12.42
C ARG B 113 -3.39 1.68 -12.36
N GLY B 114 -2.92 1.22 -13.53
CA GLY B 114 -2.25 -0.07 -13.63
C GLY B 114 -3.22 -1.23 -13.53
N VAL B 115 -4.17 -1.11 -12.60
CA VAL B 115 -5.17 -2.14 -12.37
C VAL B 115 -6.43 -1.90 -13.19
N ASN B 116 -7.14 -2.99 -13.50
CA ASN B 116 -8.39 -2.87 -14.24
C ASN B 116 -9.29 -1.99 -13.40
N SER B 117 -10.23 -1.30 -14.04
CA SER B 117 -11.13 -0.42 -13.33
C SER B 117 -12.45 -0.16 -14.06
N SER B 118 -12.96 -1.18 -14.74
CA SER B 118 -14.21 -1.02 -15.45
C SER B 118 -15.32 -0.80 -14.41
N GLY B 119 -15.17 -1.42 -13.25
CA GLY B 119 -16.18 -1.30 -12.20
C GLY B 119 -16.33 0.08 -11.57
N ALA B 120 -15.25 0.86 -11.57
CA ALA B 120 -15.29 2.20 -11.00
C ALA B 120 -16.02 3.07 -12.01
N LEU B 121 -15.55 2.98 -13.25
CA LEU B 121 -16.10 3.68 -14.39
C LEU B 121 -17.61 3.45 -14.42
N ALA B 122 -18.00 2.28 -13.93
CA ALA B 122 -19.40 1.87 -13.88
C ALA B 122 -20.20 2.74 -12.92
N LYS B 123 -19.61 3.02 -11.75
CA LYS B 123 -20.29 3.84 -10.74
C LYS B 123 -20.35 5.30 -11.13
N LEU B 124 -19.28 5.79 -11.75
CA LEU B 124 -19.22 7.19 -12.18
C LEU B 124 -20.26 7.48 -13.27
N GLN B 125 -20.68 6.45 -13.99
CA GLN B 125 -21.67 6.65 -15.03
C GLN B 125 -23.06 6.60 -14.39
N ALA B 126 -23.17 5.91 -13.25
CA ALA B 126 -24.44 5.81 -12.54
C ALA B 126 -24.78 7.14 -11.87
N PHE B 127 -23.73 7.88 -11.49
CA PHE B 127 -23.87 9.17 -10.83
C PHE B 127 -23.73 10.31 -11.82
N ASP B 128 -23.82 9.96 -13.09
CA ASP B 128 -23.74 10.95 -14.14
C ASP B 128 -22.52 11.85 -13.95
N LEU B 129 -21.38 11.28 -13.56
CA LEU B 129 -20.20 12.11 -13.41
C LEU B 129 -19.45 12.09 -14.74
N ILE B 130 -19.52 10.96 -15.42
CA ILE B 130 -18.88 10.79 -16.72
C ILE B 130 -19.88 10.20 -17.71
N LYS B 131 -19.56 10.30 -19.00
CA LYS B 131 -20.43 9.77 -20.05
C LYS B 131 -19.56 9.36 -21.22
N GLU B 132 -20.12 8.56 -22.13
CA GLU B 132 -19.38 8.15 -23.32
C GLU B 132 -19.54 9.31 -24.30
N ASP B 133 -18.51 9.57 -25.08
CA ASP B 133 -18.54 10.66 -26.04
C ASP B 133 -17.74 10.26 -27.29
N GLY B 134 -18.26 9.28 -28.02
CA GLY B 134 -17.59 8.82 -29.21
C GLY B 134 -16.81 7.54 -29.01
N LYS B 135 -15.91 7.29 -29.96
CA LYS B 135 -15.08 6.11 -29.94
C LYS B 135 -13.75 6.50 -30.56
N LYS B 136 -12.65 6.16 -29.88
CA LYS B 136 -11.30 6.49 -30.37
C LYS B 136 -11.15 5.86 -31.73
N GLU B 137 -10.66 6.65 -32.69
CA GLU B 137 -10.50 6.14 -34.03
C GLU B 137 -9.30 5.21 -34.19
N VAL B 138 -9.37 4.05 -33.55
CA VAL B 138 -8.30 3.06 -33.63
C VAL B 138 -8.90 1.66 -33.89
N LEU B 139 -8.06 0.64 -33.91
CA LEU B 139 -8.53 -0.72 -34.15
C LEU B 139 -9.38 -1.12 -32.95
N GLY B 140 -10.63 -1.48 -33.19
CA GLY B 140 -11.50 -1.87 -32.10
C GLY B 140 -12.46 -0.76 -31.72
N ARG B 141 -12.10 0.47 -32.08
CA ARG B 141 -12.89 1.67 -31.82
C ARG B 141 -13.50 1.64 -30.44
N PRO B 142 -12.65 1.70 -29.40
CA PRO B 142 -13.05 1.68 -28.00
C PRO B 142 -13.80 2.96 -27.66
N ASN B 143 -14.62 2.90 -26.61
CA ASN B 143 -15.38 4.08 -26.20
C ASN B 143 -14.49 5.12 -25.52
N LEU B 144 -14.83 6.39 -25.74
CA LEU B 144 -14.13 7.52 -25.14
C LEU B 144 -14.97 8.05 -23.98
N TYR B 145 -14.36 8.23 -22.81
CA TYR B 145 -15.08 8.71 -21.64
C TYR B 145 -14.77 10.19 -21.35
N VAL B 146 -15.76 10.91 -20.83
CA VAL B 146 -15.62 12.34 -20.58
C VAL B 146 -16.46 12.71 -19.34
N THR B 147 -16.12 13.81 -18.66
CA THR B 147 -16.90 14.22 -17.48
C THR B 147 -18.17 14.89 -18.02
N THR B 148 -19.19 14.99 -17.18
CA THR B 148 -20.44 15.58 -17.63
C THR B 148 -20.71 16.97 -17.08
N ASP B 149 -21.93 17.46 -17.35
CA ASP B 149 -22.38 18.77 -16.88
C ASP B 149 -22.49 18.70 -15.38
N TYR B 150 -23.18 17.65 -14.92
CA TYR B 150 -23.38 17.43 -13.49
C TYR B 150 -22.06 17.32 -12.73
N PHE B 151 -21.04 16.81 -13.39
CA PHE B 151 -19.73 16.66 -12.77
C PHE B 151 -19.32 18.01 -12.20
N LEU B 152 -19.40 19.04 -13.03
CA LEU B 152 -19.06 20.39 -12.66
C LEU B 152 -19.79 20.76 -11.36
N ASP B 153 -21.12 20.72 -11.41
CA ASP B 153 -22.00 21.00 -10.26
C ASP B 153 -21.43 20.32 -9.02
N TYR B 154 -21.51 19.00 -9.04
CA TYR B 154 -21.03 18.15 -7.96
C TYR B 154 -19.70 18.62 -7.39
N GLY B 156 -18.62 21.61 -7.51
CA GLY B 156 -18.75 22.99 -7.08
C GLY B 156 -17.86 23.85 -7.97
N ILE B 157 -18.11 23.76 -9.26
CA ILE B 157 -17.32 24.49 -10.23
C ILE B 157 -18.24 24.83 -11.41
N ASN B 158 -17.74 25.64 -12.35
CA ASN B 158 -18.56 26.02 -13.50
C ASN B 158 -17.89 25.88 -14.87
N HIS B 159 -16.70 25.28 -14.89
CA HIS B 159 -15.96 25.03 -16.11
C HIS B 159 -14.68 24.26 -15.80
N LEU B 160 -14.44 23.20 -16.57
CA LEU B 160 -13.27 22.35 -16.41
C LEU B 160 -11.96 23.10 -16.22
N GLU B 161 -11.96 24.38 -16.58
CA GLU B 161 -10.75 25.19 -16.49
C GLU B 161 -10.46 25.67 -15.05
N GLU B 162 -11.44 25.51 -14.15
CA GLU B 162 -11.26 25.92 -12.75
C GLU B 162 -10.50 24.82 -11.95
N LEU B 163 -10.29 23.67 -12.58
CA LEU B 163 -9.58 22.58 -11.93
C LEU B 163 -8.13 22.99 -11.72
N PRO B 164 -7.55 22.63 -10.56
CA PRO B 164 -6.14 22.96 -10.27
C PRO B 164 -5.20 22.47 -11.37
N VAL B 165 -4.38 23.36 -11.90
CA VAL B 165 -3.45 22.99 -12.96
C VAL B 165 -2.51 21.87 -12.50
N ILE B 166 -1.94 21.16 -13.46
CA ILE B 166 -1.03 20.07 -13.13
C ILE B 166 -0.04 19.83 -14.27
N ASP B 167 1.25 20.01 -13.98
CA ASP B 167 2.29 19.84 -14.99
C ASP B 167 3.61 19.29 -14.41
N GLU B 168 3.90 18.01 -14.71
CA GLU B 168 5.11 17.35 -14.22
C GLU B 168 6.18 17.14 -15.30
N SER C 2 -26.20 -19.42 5.06
CA SER C 2 -25.31 -19.55 6.26
C SER C 2 -24.79 -18.22 6.77
N THR C 3 -24.21 -18.25 7.97
CA THR C 3 -23.64 -17.04 8.54
C THR C 3 -22.21 -17.01 8.01
N LEU C 4 -21.66 -18.19 7.78
CA LEU C 4 -20.32 -18.32 7.24
C LEU C 4 -20.36 -17.76 5.83
N ALA C 5 -21.43 -18.10 5.11
CA ALA C 5 -21.62 -17.64 3.73
C ALA C 5 -21.83 -16.14 3.67
N LYS C 6 -22.54 -15.60 4.65
CA LYS C 6 -22.80 -14.16 4.69
C LYS C 6 -21.50 -13.40 4.95
N ILE C 7 -20.72 -13.87 5.91
CA ILE C 7 -19.45 -13.24 6.22
C ILE C 7 -18.56 -13.20 4.97
N GLU C 8 -18.24 -14.38 4.44
CA GLU C 8 -17.42 -14.52 3.23
C GLU C 8 -17.87 -13.56 2.14
N ALA C 9 -19.16 -13.61 1.81
CA ALA C 9 -19.75 -12.75 0.81
C ALA C 9 -19.28 -11.31 0.98
N LEU C 10 -19.58 -10.72 2.13
CA LEU C 10 -19.18 -9.34 2.43
C LEU C 10 -17.66 -9.16 2.35
N LEU C 11 -16.97 -9.97 3.14
CA LEU C 11 -15.52 -9.94 3.21
C LEU C 11 -14.90 -10.00 1.82
N PHE C 12 -15.59 -10.67 0.91
CA PHE C 12 -15.17 -10.81 -0.48
C PHE C 12 -15.34 -9.47 -1.20
N VAL C 13 -16.52 -8.89 -1.08
CA VAL C 13 -16.80 -7.63 -1.72
C VAL C 13 -15.79 -6.56 -1.28
N ALA C 14 -15.48 -6.52 0.01
CA ALA C 14 -14.52 -5.56 0.55
C ALA C 14 -13.09 -5.84 0.05
N GLY C 15 -12.73 -7.11 0.03
CA GLY C 15 -11.42 -7.48 -0.44
C GLY C 15 -10.32 -6.80 0.34
N GLU C 16 -9.38 -6.16 -0.37
CA GLU C 16 -8.25 -5.50 0.25
C GLU C 16 -8.63 -4.56 1.37
N ASP C 17 -9.81 -3.94 1.26
CA ASP C 17 -10.28 -3.00 2.30
C ASP C 17 -10.75 -3.67 3.61
N GLY C 18 -11.07 -4.97 3.55
CA GLY C 18 -11.53 -5.68 4.73
C GLY C 18 -12.72 -5.04 5.44
N ILE C 19 -13.13 -5.67 6.55
CA ILE C 19 -14.24 -5.17 7.34
C ILE C 19 -13.99 -5.43 8.81
N ARG C 20 -14.59 -4.58 9.65
CA ARG C 20 -14.45 -4.66 11.11
C ARG C 20 -15.57 -5.47 11.76
N VAL C 21 -15.19 -6.33 12.70
CA VAL C 21 -16.15 -7.17 13.42
C VAL C 21 -17.39 -6.37 13.81
N ARG C 22 -17.14 -5.16 14.32
CA ARG C 22 -18.21 -4.26 14.74
C ARG C 22 -19.18 -4.06 13.59
N GLN C 23 -18.67 -3.60 12.45
CA GLN C 23 -19.51 -3.35 11.29
C GLN C 23 -20.15 -4.62 10.75
N LEU C 24 -19.56 -5.79 11.02
CA LEU C 24 -20.14 -7.03 10.54
C LEU C 24 -21.41 -7.39 11.31
N ALA C 25 -21.47 -6.94 12.57
CA ALA C 25 -22.64 -7.20 13.40
C ALA C 25 -23.82 -6.31 12.98
N GLU C 26 -23.57 -5.02 12.77
CA GLU C 26 -24.63 -4.09 12.35
C GLU C 26 -25.19 -4.44 10.97
N LEU C 27 -24.79 -5.57 10.41
CA LEU C 27 -25.24 -6.00 9.09
C LEU C 27 -25.89 -7.40 9.13
N LEU C 28 -25.37 -8.25 9.99
CA LEU C 28 -25.89 -9.61 10.15
C LEU C 28 -26.91 -9.65 11.29
N SER C 29 -26.79 -8.66 12.17
CA SER C 29 -27.67 -8.50 13.34
C SER C 29 -27.29 -9.41 14.48
N LEU C 30 -26.03 -9.80 14.56
CA LEU C 30 -25.56 -10.68 15.61
C LEU C 30 -24.61 -9.99 16.60
N PRO C 31 -24.40 -10.59 17.79
CA PRO C 31 -23.51 -10.01 18.79
C PRO C 31 -22.05 -10.07 18.36
N PRO C 32 -21.33 -8.96 18.48
CA PRO C 32 -19.92 -8.86 18.11
C PRO C 32 -19.12 -10.08 18.58
N THR C 33 -19.57 -10.69 19.67
CA THR C 33 -18.87 -11.86 20.20
C THR C 33 -19.14 -13.11 19.38
N GLY C 34 -20.30 -13.14 18.71
CA GLY C 34 -20.67 -14.28 17.88
C GLY C 34 -19.97 -14.33 16.53
N ILE C 35 -19.71 -13.14 15.96
CA ILE C 35 -19.02 -13.06 14.69
C ILE C 35 -17.67 -13.74 14.92
N GLN C 36 -16.96 -13.28 15.93
CA GLN C 36 -15.66 -13.83 16.31
C GLN C 36 -15.64 -15.34 16.11
N GLN C 37 -16.69 -15.99 16.60
CA GLN C 37 -16.82 -17.44 16.53
C GLN C 37 -16.91 -17.98 15.10
N SER C 38 -17.81 -17.39 14.31
CA SER C 38 -18.00 -17.78 12.92
C SER C 38 -16.70 -17.56 12.13
N LEU C 39 -16.15 -16.36 12.31
CA LEU C 39 -14.90 -15.96 11.66
C LEU C 39 -13.80 -17.00 11.92
N GLY C 40 -13.86 -17.67 13.05
CA GLY C 40 -12.84 -18.67 13.33
C GLY C 40 -13.18 -19.96 12.60
N LYS C 41 -14.46 -20.29 12.59
CA LYS C 41 -14.93 -21.49 11.92
C LYS C 41 -14.58 -21.35 10.45
N LEU C 42 -14.78 -20.14 9.92
CA LEU C 42 -14.51 -19.85 8.51
C LEU C 42 -13.06 -20.04 8.16
N ALA C 43 -12.18 -19.27 8.80
CA ALA C 43 -10.75 -19.36 8.55
C ALA C 43 -10.26 -20.79 8.71
N GLN C 44 -11.03 -21.57 9.46
CA GLN C 44 -10.69 -22.97 9.69
C GLN C 44 -11.21 -23.80 8.52
N LYS C 45 -12.42 -23.47 8.05
CA LYS C 45 -13.00 -24.19 6.91
C LYS C 45 -12.01 -24.12 5.76
N TYR C 46 -11.46 -22.92 5.54
CA TYR C 46 -10.48 -22.69 4.48
C TYR C 46 -9.22 -23.51 4.74
N GLU C 47 -8.67 -23.40 5.95
CA GLU C 47 -7.46 -24.12 6.34
C GLU C 47 -7.49 -25.58 5.90
N LYS C 48 -8.54 -26.29 6.32
CA LYS C 48 -8.70 -27.71 6.00
C LYS C 48 -8.81 -27.98 4.50
N ASP C 49 -9.76 -27.31 3.84
CA ASP C 49 -10.01 -27.46 2.40
C ASP C 49 -8.71 -27.37 1.59
N PRO C 50 -8.28 -28.48 0.98
CA PRO C 50 -7.03 -28.45 0.19
C PRO C 50 -7.26 -27.80 -1.19
N ASP C 51 -8.53 -27.60 -1.52
CA ASP C 51 -8.96 -27.00 -2.79
C ASP C 51 -9.33 -25.53 -2.62
N SER C 52 -8.96 -24.98 -1.46
CA SER C 52 -9.23 -23.58 -1.17
C SER C 52 -7.91 -22.81 -1.15
N SER C 53 -7.92 -21.62 -1.73
CA SER C 53 -6.72 -20.79 -1.80
C SER C 53 -6.82 -19.61 -0.87
N LEU C 54 -7.98 -19.43 -0.23
CA LEU C 54 -8.20 -18.31 0.66
C LEU C 54 -7.76 -18.52 2.10
N ALA C 55 -7.77 -17.41 2.85
CA ALA C 55 -7.39 -17.40 4.26
C ALA C 55 -7.90 -16.11 4.89
N LEU C 56 -8.32 -16.18 6.16
CA LEU C 56 -8.80 -14.99 6.83
C LEU C 56 -7.61 -14.34 7.50
N ILE C 57 -7.57 -13.01 7.47
CA ILE C 57 -6.43 -12.29 8.07
C ILE C 57 -6.94 -11.03 8.77
N GLU C 58 -6.35 -10.70 9.92
CA GLU C 58 -6.77 -9.51 10.66
C GLU C 58 -5.66 -8.50 10.93
N THR C 59 -5.62 -7.44 10.13
CA THR C 59 -4.63 -6.39 10.27
C THR C 59 -5.41 -5.09 10.50
N SER C 60 -4.76 -4.10 11.11
CA SER C 60 -5.43 -2.82 11.38
C SER C 60 -6.85 -2.95 11.96
N GLY C 61 -7.05 -3.96 12.81
CA GLY C 61 -8.36 -4.16 13.44
C GLY C 61 -9.52 -4.46 12.53
N ALA C 62 -9.23 -5.10 11.40
CA ALA C 62 -10.26 -5.47 10.43
C ALA C 62 -9.91 -6.85 9.91
N TYR C 63 -10.93 -7.58 9.45
CA TYR C 63 -10.68 -8.89 8.92
C TYR C 63 -10.73 -8.79 7.40
N ARG C 64 -9.73 -9.35 6.74
CA ARG C 64 -9.65 -9.29 5.30
C ARG C 64 -9.50 -10.67 4.70
N LEU C 65 -10.23 -10.89 3.61
CA LEU C 65 -10.22 -12.16 2.87
C LEU C 65 -8.99 -12.17 1.92
N VAL C 66 -8.06 -13.09 2.12
CA VAL C 66 -6.86 -13.10 1.29
C VAL C 66 -6.49 -14.48 0.76
N THR C 67 -5.31 -14.60 0.19
CA THR C 67 -4.87 -15.87 -0.37
C THR C 67 -3.87 -16.55 0.56
N LYS C 68 -3.99 -17.87 0.71
CA LYS C 68 -3.06 -18.61 1.56
C LYS C 68 -1.65 -18.36 1.04
N PRO C 69 -0.72 -18.07 1.95
CA PRO C 69 0.69 -17.79 1.62
C PRO C 69 1.38 -18.58 0.49
N GLN C 70 1.06 -19.87 0.32
CA GLN C 70 1.71 -20.65 -0.73
C GLN C 70 1.58 -20.02 -2.11
N PHE C 71 0.34 -19.79 -2.53
CA PHE C 71 0.07 -19.25 -3.85
C PHE C 71 0.78 -17.94 -4.20
N ALA C 72 1.56 -17.43 -3.25
CA ALA C 72 2.30 -16.20 -3.45
C ALA C 72 3.26 -16.32 -4.63
N GLU C 73 3.95 -17.44 -4.72
CA GLU C 73 4.88 -17.65 -5.82
C GLU C 73 4.22 -17.47 -7.18
N ILE C 74 3.03 -18.04 -7.30
CA ILE C 74 2.22 -17.95 -8.52
C ILE C 74 1.84 -16.49 -8.72
N LEU C 75 0.91 -16.05 -7.87
CA LEU C 75 0.37 -14.69 -7.88
C LEU C 75 1.38 -13.55 -8.02
N LYS C 76 2.58 -13.73 -7.47
CA LYS C 76 3.61 -12.69 -7.54
C LYS C 76 3.84 -12.19 -8.96
N GLU C 77 3.59 -13.06 -9.93
CA GLU C 77 3.76 -12.71 -11.34
C GLU C 77 2.57 -11.87 -11.77
N TYR C 78 1.39 -12.36 -11.45
CA TYR C 78 0.12 -11.75 -11.79
C TYR C 78 -0.28 -10.46 -11.05
N SER C 79 -0.02 -10.37 -9.76
CA SER C 79 -0.46 -9.22 -9.01
C SER C 79 0.44 -8.01 -8.89
N LYS C 80 1.43 -8.09 -8.00
CA LYS C 80 2.31 -6.94 -7.78
C LYS C 80 1.55 -5.68 -7.29
N ALA C 81 0.52 -5.86 -6.45
CA ALA C 81 -0.25 -4.73 -5.91
C ALA C 81 0.69 -4.10 -4.87
N PRO C 82 0.62 -2.77 -4.70
CA PRO C 82 1.48 -2.06 -3.75
C PRO C 82 1.77 -2.69 -2.39
N ILE C 83 0.82 -3.45 -1.84
CA ILE C 83 1.07 -4.01 -0.52
C ILE C 83 2.06 -5.17 -0.54
N ASN C 84 2.30 -5.75 -1.71
CA ASN C 84 3.22 -6.87 -1.78
C ASN C 84 4.58 -6.46 -2.30
N GLN C 85 4.69 -5.22 -2.73
CA GLN C 85 5.95 -4.69 -3.24
C GLN C 85 6.76 -4.29 -2.03
N SER C 86 8.04 -4.61 -2.01
CA SER C 86 8.87 -4.22 -0.87
C SER C 86 9.27 -2.76 -1.05
N LEU C 87 9.97 -2.19 -0.08
CA LEU C 87 10.36 -0.78 -0.12
C LEU C 87 11.87 -0.53 -0.16
N SER C 88 12.29 0.65 -0.65
CA SER C 88 13.72 0.97 -0.72
C SER C 88 14.30 1.12 0.68
N ARG C 89 15.54 0.73 0.87
CA ARG C 89 16.17 0.80 2.18
C ARG C 89 15.99 2.17 2.84
N ALA C 90 16.03 3.21 2.04
CA ALA C 90 15.88 4.56 2.55
C ALA C 90 14.48 4.80 3.14
N ALA C 91 13.46 4.44 2.38
CA ALA C 91 12.09 4.62 2.85
C ALA C 91 11.88 3.73 4.06
N LEU C 92 12.39 2.51 3.94
CA LEU C 92 12.27 1.52 4.99
C LEU C 92 12.83 2.07 6.30
N GLU C 93 14.03 2.63 6.25
CA GLU C 93 14.67 3.21 7.43
C GLU C 93 13.95 4.50 7.87
N THR C 94 13.63 5.38 6.92
CA THR C 94 12.92 6.63 7.24
C THR C 94 11.59 6.30 7.91
N LEU C 95 10.92 5.26 7.39
CA LEU C 95 9.63 4.82 7.91
C LEU C 95 9.79 4.36 9.37
N SER C 96 10.83 3.56 9.60
CA SER C 96 11.13 3.06 10.93
C SER C 96 11.19 4.21 11.91
N ILE C 97 12.01 5.21 11.61
CA ILE C 97 12.15 6.38 12.48
C ILE C 97 10.81 7.02 12.83
N ILE C 98 9.99 7.30 11.82
CA ILE C 98 8.67 7.90 12.07
C ILE C 98 7.86 6.94 12.94
N ALA C 99 7.78 5.69 12.47
CA ALA C 99 7.06 4.63 13.17
C ALA C 99 7.21 4.69 14.68
N TYR C 100 8.44 4.93 15.13
CA TYR C 100 8.79 4.98 16.54
C TYR C 100 8.84 6.38 17.17
N LYS C 101 9.74 7.23 16.69
CA LYS C 101 9.89 8.59 17.22
C LYS C 101 8.64 9.44 16.96
N GLN C 102 7.58 8.80 16.49
CA GLN C 102 6.32 9.47 16.18
C GLN C 102 5.66 10.13 17.39
N PRO C 103 5.16 11.37 17.23
CA PRO C 103 5.15 12.18 16.01
C PRO C 103 6.53 12.83 15.85
N ILE C 104 6.97 13.03 14.61
CA ILE C 104 8.28 13.61 14.39
C ILE C 104 8.27 14.63 13.26
N THR C 105 9.38 15.32 13.05
CA THR C 105 9.51 16.34 11.99
C THR C 105 10.55 15.94 10.95
N ARG C 106 10.45 16.54 9.77
CA ARG C 106 11.38 16.24 8.69
C ARG C 106 12.83 16.42 9.10
N ILE C 107 13.15 17.56 9.72
CA ILE C 107 14.52 17.83 10.13
C ILE C 107 15.03 16.85 11.18
N GLU C 108 14.17 16.52 12.14
CA GLU C 108 14.55 15.58 13.18
C GLU C 108 14.97 14.25 12.57
N ILE C 109 14.20 13.78 11.59
CA ILE C 109 14.49 12.53 10.90
C ILE C 109 15.87 12.66 10.25
N ASP C 110 16.02 13.68 9.40
CA ASP C 110 17.28 13.93 8.69
C ASP C 110 18.46 13.91 9.65
N ALA C 111 18.26 14.54 10.79
CA ALA C 111 19.27 14.60 11.83
C ALA C 111 19.62 13.16 12.21
N ILE C 112 18.63 12.45 12.74
CA ILE C 112 18.80 11.07 13.17
C ILE C 112 19.34 10.18 12.05
N ARG C 113 18.74 10.31 10.87
CA ARG C 113 19.13 9.49 9.74
C ARG C 113 20.45 9.90 9.08
N GLY C 114 20.93 11.09 9.40
CA GLY C 114 22.19 11.55 8.85
C GLY C 114 22.12 12.29 7.53
N VAL C 115 21.12 12.01 6.72
CA VAL C 115 20.99 12.69 5.44
C VAL C 115 19.61 13.29 5.25
N ASN C 116 19.34 13.77 4.04
CA ASN C 116 18.06 14.39 3.75
C ASN C 116 16.99 13.34 3.51
N SER C 117 15.85 13.51 4.17
CA SER C 117 14.76 12.56 4.04
C SER C 117 13.64 13.02 3.11
N SER C 118 13.75 14.25 2.60
CA SER C 118 12.75 14.81 1.70
C SER C 118 12.18 13.79 0.70
N GLY C 119 13.08 13.04 0.08
CA GLY C 119 12.68 12.04 -0.89
C GLY C 119 11.83 10.91 -0.34
N ALA C 120 12.16 10.44 0.86
CA ALA C 120 11.43 9.35 1.49
C ALA C 120 10.06 9.80 2.00
N LEU C 121 10.03 10.93 2.69
CA LEU C 121 8.78 11.47 3.22
C LEU C 121 7.71 11.49 2.15
N ALA C 122 8.10 11.87 0.94
CA ALA C 122 7.15 11.94 -0.16
C ALA C 122 6.71 10.55 -0.58
N LYS C 123 7.67 9.70 -0.95
CA LYS C 123 7.35 8.35 -1.38
C LYS C 123 6.43 7.66 -0.37
N LEU C 124 6.82 7.68 0.90
CA LEU C 124 6.05 7.06 1.98
C LEU C 124 4.66 7.67 2.11
N GLN C 125 4.57 8.98 1.88
CA GLN C 125 3.30 9.69 1.98
C GLN C 125 2.42 9.44 0.77
N ALA C 126 3.07 9.17 -0.36
CA ALA C 126 2.38 8.90 -1.61
C ALA C 126 1.69 7.56 -1.50
N PHE C 127 2.27 6.69 -0.66
CA PHE C 127 1.75 5.36 -0.42
C PHE C 127 0.81 5.28 0.77
N ASP C 128 0.39 6.43 1.27
CA ASP C 128 -0.53 6.45 2.39
C ASP C 128 0.00 5.64 3.57
N LEU C 129 1.32 5.54 3.69
CA LEU C 129 1.89 4.82 4.82
C LEU C 129 1.98 5.78 6.00
N ILE C 130 2.50 6.99 5.76
CA ILE C 130 2.62 8.03 6.78
C ILE C 130 1.81 9.26 6.38
N LYS C 131 1.34 10.01 7.36
CA LYS C 131 0.60 11.22 7.08
C LYS C 131 0.95 12.28 8.12
N GLU C 132 0.85 13.54 7.73
CA GLU C 132 1.15 14.67 8.61
C GLU C 132 -0.03 15.00 9.51
N ASP C 133 0.15 14.94 10.83
CA ASP C 133 -0.97 15.22 11.72
C ASP C 133 -0.80 16.50 12.52
N GLY C 134 -0.06 16.43 13.63
CA GLY C 134 0.13 17.62 14.44
C GLY C 134 0.86 18.73 13.69
N LYS C 135 1.27 19.76 14.44
CA LYS C 135 2.01 20.88 13.87
C LYS C 135 3.09 21.22 14.89
N LYS C 136 4.08 22.03 14.51
CA LYS C 136 5.14 22.39 15.44
C LYS C 136 5.29 23.89 15.73
N GLU C 137 5.42 24.22 17.02
CA GLU C 137 5.58 25.60 17.45
C GLU C 137 7.04 26.02 17.50
N VAL C 138 7.58 26.41 16.34
CA VAL C 138 8.96 26.85 16.24
C VAL C 138 8.99 28.06 15.32
N LEU C 139 10.15 28.71 15.23
CA LEU C 139 10.32 29.88 14.38
C LEU C 139 10.28 29.42 12.91
N GLY C 140 9.50 28.37 12.64
CA GLY C 140 9.39 27.84 11.30
C GLY C 140 8.06 27.17 10.97
N ARG C 141 7.19 27.01 11.97
CA ARG C 141 5.88 26.37 11.75
C ARG C 141 6.02 24.95 11.19
N PRO C 142 6.95 24.13 11.75
CA PRO C 142 7.17 22.75 11.29
C PRO C 142 5.94 21.85 11.30
N ASN C 143 6.02 20.78 10.53
CA ASN C 143 4.92 19.83 10.43
C ASN C 143 5.31 18.50 11.07
N LEU C 144 4.35 17.87 11.75
CA LEU C 144 4.60 16.59 12.41
C LEU C 144 4.09 15.40 11.60
N TYR C 145 4.94 14.38 11.46
CA TYR C 145 4.61 13.17 10.70
C TYR C 145 4.29 11.96 11.59
N VAL C 146 3.28 11.19 11.18
CA VAL C 146 2.86 9.99 11.92
C VAL C 146 2.67 8.78 10.99
N THR C 147 1.84 7.82 11.40
CA THR C 147 1.58 6.65 10.58
C THR C 147 0.07 6.51 10.40
N THR C 148 -0.34 6.02 9.24
CA THR C 148 -1.76 5.82 8.93
C THR C 148 -2.23 4.44 9.36
N ASP C 149 -3.51 4.18 9.13
CA ASP C 149 -4.05 2.88 9.44
C ASP C 149 -3.41 1.89 8.46
N TYR C 150 -3.16 2.36 7.24
CA TYR C 150 -2.55 1.50 6.23
C TYR C 150 -1.23 0.95 6.73
N PHE C 151 -0.51 1.73 7.53
CA PHE C 151 0.76 1.26 8.05
C PHE C 151 0.59 -0.03 8.85
N LEU C 152 -0.47 -0.12 9.64
CA LEU C 152 -0.67 -1.32 10.41
C LEU C 152 -0.80 -2.47 9.42
N ASP C 153 -1.76 -2.33 8.51
CA ASP C 153 -2.07 -3.32 7.48
C ASP C 153 -0.84 -3.77 6.73
N TYR C 154 -0.03 -2.82 6.29
CA TYR C 154 1.20 -3.08 5.55
C TYR C 154 2.14 -3.93 6.40
N GLY C 156 1.00 -5.84 8.91
CA GLY C 156 0.32 -7.05 9.32
C GLY C 156 0.11 -7.17 10.81
N ILE C 157 -0.22 -6.03 11.44
CA ILE C 157 -0.48 -5.99 12.88
C ILE C 157 -1.77 -5.21 13.09
N ASN C 158 -2.29 -5.22 14.31
CA ASN C 158 -3.52 -4.49 14.59
C ASN C 158 -3.30 -3.24 15.42
N HIS C 159 -2.29 -3.28 16.28
CA HIS C 159 -1.98 -2.16 17.16
C HIS C 159 -0.51 -1.77 17.09
N LEU C 160 -0.25 -0.46 17.11
CA LEU C 160 1.12 0.02 17.00
C LEU C 160 2.13 -0.64 17.92
N GLU C 161 1.71 -0.86 19.16
CA GLU C 161 2.56 -1.49 20.15
C GLU C 161 3.13 -2.85 19.70
N GLU C 162 2.42 -3.51 18.78
CA GLU C 162 2.83 -4.83 18.27
C GLU C 162 4.11 -4.82 17.44
N LEU C 163 4.79 -3.69 17.39
CA LEU C 163 6.02 -3.63 16.60
C LEU C 163 7.15 -4.26 17.36
N PRO C 164 8.14 -4.81 16.65
CA PRO C 164 9.28 -5.44 17.31
C PRO C 164 9.80 -4.45 18.35
N VAL C 165 10.66 -4.94 19.24
CA VAL C 165 11.20 -4.06 20.26
C VAL C 165 12.72 -4.15 20.28
N ILE C 166 13.34 -3.00 20.56
CA ILE C 166 14.78 -2.91 20.66
C ILE C 166 15.24 -3.64 21.92
N ASP C 167 15.94 -4.76 21.71
CA ASP C 167 16.43 -5.59 22.80
C ASP C 167 17.95 -5.74 22.81
#